data_4DRW
#
_entry.id   4DRW
#
_cell.length_a   47.755
_cell.length_b   47.791
_cell.length_c   62.817
_cell.angle_alpha   71.62
_cell.angle_beta   71.63
_cell.angle_gamma   68.62
#
_symmetry.space_group_name_H-M   'P 1'
#
loop_
_entity.id
_entity.type
_entity.pdbx_description
1 polymer 'Protein S100-A10/Annexin A2 chimeric protein'
2 polymer 'Neuroblast differentiation-associated protein AHNAK'
#
loop_
_entity_poly.entity_id
_entity_poly.type
_entity_poly.pdbx_seq_one_letter_code
_entity_poly.pdbx_strand_id
1 'polypeptide(L)'
;GPLGSMPSQMEHAMETMMFTFHKFAGDKGYLTKEDLRVLMEKEFPGFLENQKDPLAVDKIMKDLDQCRDGKVGFQSFFSL
IAGLTIACNDYFVVHMKQENLYFQGDSTVHEILSKLSLEGD
;
A,B,C,D
2 'polypeptide(L)' GKVTFPKMKIPKFTFSGREL E,F
#
# COMPACT_ATOMS: atom_id res chain seq x y z
N PRO A 7 13.82 27.69 -11.86
CA PRO A 7 12.80 27.40 -12.89
C PRO A 7 13.16 26.16 -13.69
N SER A 8 12.33 25.12 -13.60
CA SER A 8 12.58 23.88 -14.33
C SER A 8 11.29 23.37 -14.97
N GLN A 9 11.30 22.10 -15.37
CA GLN A 9 10.13 21.49 -16.00
C GLN A 9 9.29 20.76 -14.95
N MET A 10 9.86 19.69 -14.39
CA MET A 10 9.17 18.91 -13.38
C MET A 10 8.60 19.81 -12.28
N GLU A 11 9.43 20.73 -11.81
CA GLU A 11 9.01 21.65 -10.75
C GLU A 11 7.89 22.54 -11.27
N HIS A 12 7.94 22.87 -12.55
CA HIS A 12 6.94 23.70 -13.18
C HIS A 12 5.66 22.88 -13.28
N ALA A 13 5.85 21.57 -13.42
CA ALA A 13 4.73 20.63 -13.52
C ALA A 13 4.14 20.40 -12.12
N MET A 14 4.98 19.91 -11.22
CA MET A 14 4.57 19.64 -9.85
C MET A 14 3.82 20.85 -9.31
N GLU A 15 4.21 22.03 -9.79
CA GLU A 15 3.58 23.27 -9.38
C GLU A 15 2.10 23.26 -9.78
N THR A 16 1.86 23.04 -11.07
CA THR A 16 0.50 22.98 -11.59
C THR A 16 -0.27 21.92 -10.81
N MET A 17 0.28 20.70 -10.81
CA MET A 17 -0.32 19.57 -10.12
C MET A 17 -0.81 19.99 -8.73
N MET A 18 0.01 20.79 -8.05
CA MET A 18 -0.30 21.26 -6.71
C MET A 18 -1.39 22.32 -6.70
N PHE A 19 -1.42 23.16 -7.73
CA PHE A 19 -2.42 24.22 -7.81
C PHE A 19 -3.67 23.77 -8.55
N THR A 20 -3.71 22.50 -8.96
CA THR A 20 -4.85 21.97 -9.68
C THR A 20 -5.79 21.21 -8.74
N PHE A 21 -5.40 21.12 -7.47
CA PHE A 21 -6.22 20.43 -6.49
C PHE A 21 -7.13 21.39 -5.75
N HIS A 22 -6.53 22.31 -4.98
CA HIS A 22 -7.30 23.28 -4.22
C HIS A 22 -8.18 24.16 -5.10
N LYS A 23 -7.77 24.37 -6.34
CA LYS A 23 -8.55 25.18 -7.27
C LYS A 23 -9.94 24.58 -7.44
N PHE A 24 -10.03 23.27 -7.18
CA PHE A 24 -11.29 22.55 -7.31
C PHE A 24 -11.75 22.05 -5.94
N ALA A 25 -11.08 22.51 -4.90
CA ALA A 25 -11.41 22.12 -3.53
C ALA A 25 -11.80 23.35 -2.71
N GLY A 26 -10.80 24.13 -2.31
CA GLY A 26 -11.05 25.32 -1.52
C GLY A 26 -10.61 25.17 -0.07
N ASP A 27 -11.03 26.11 0.77
CA ASP A 27 -10.68 26.08 2.18
C ASP A 27 -11.03 24.73 2.79
N LYS A 28 -12.04 24.08 2.21
CA LYS A 28 -12.48 22.77 2.68
C LYS A 28 -11.31 21.78 2.62
N GLY A 29 -10.49 21.92 1.59
CA GLY A 29 -9.33 21.05 1.44
C GLY A 29 -9.58 19.60 1.07
N TYR A 30 -10.58 19.35 0.23
CA TYR A 30 -10.88 17.99 -0.19
C TYR A 30 -11.83 17.96 -1.38
N LEU A 31 -12.25 16.77 -1.78
CA LEU A 31 -13.14 16.62 -2.92
C LEU A 31 -14.21 15.57 -2.71
N THR A 32 -15.46 15.91 -3.05
CA THR A 32 -16.58 14.99 -2.92
C THR A 32 -16.92 14.45 -4.31
N LYS A 33 -17.82 13.47 -4.36
CA LYS A 33 -18.20 12.87 -5.62
C LYS A 33 -18.50 13.93 -6.68
N GLU A 34 -19.25 14.96 -6.29
CA GLU A 34 -19.58 16.04 -7.21
C GLU A 34 -18.38 16.92 -7.50
N ASP A 35 -17.36 16.84 -6.64
CA ASP A 35 -16.14 17.63 -6.83
C ASP A 35 -15.26 16.99 -7.91
N LEU A 36 -15.12 15.67 -7.86
CA LEU A 36 -14.32 14.95 -8.84
C LEU A 36 -14.95 15.14 -10.21
N ARG A 37 -16.23 14.76 -10.30
CA ARG A 37 -17.00 14.87 -11.53
C ARG A 37 -16.72 16.19 -12.25
N VAL A 38 -17.03 17.29 -11.57
CA VAL A 38 -16.82 18.62 -12.14
C VAL A 38 -15.35 18.88 -12.45
N LEU A 39 -14.46 18.31 -11.65
CA LEU A 39 -13.02 18.48 -11.87
C LEU A 39 -12.58 17.87 -13.19
N MET A 40 -12.79 16.57 -13.33
CA MET A 40 -12.40 15.84 -14.54
C MET A 40 -13.13 16.39 -15.77
N GLU A 41 -14.01 17.35 -15.56
CA GLU A 41 -14.75 17.96 -16.66
C GLU A 41 -14.49 19.46 -16.72
N LYS A 42 -13.64 19.94 -15.82
CA LYS A 42 -13.28 21.35 -15.77
C LYS A 42 -11.80 21.52 -16.10
N GLU A 43 -11.11 20.41 -16.24
CA GLU A 43 -9.69 20.44 -16.56
C GLU A 43 -9.37 19.50 -17.72
N PHE A 44 -9.54 18.20 -17.49
CA PHE A 44 -9.27 17.20 -18.51
C PHE A 44 -10.50 16.41 -18.94
N PRO A 45 -11.38 17.04 -19.74
CA PRO A 45 -12.60 16.38 -20.22
C PRO A 45 -12.31 15.48 -21.41
N GLY A 46 -11.12 15.64 -21.99
CA GLY A 46 -10.73 14.83 -23.13
C GLY A 46 -10.75 13.33 -22.96
N PHE A 47 -11.16 12.90 -21.76
CA PHE A 47 -11.24 11.49 -21.42
C PHE A 47 -12.63 10.99 -21.03
N LEU A 48 -13.06 11.39 -19.83
CA LEU A 48 -14.36 11.00 -19.31
C LEU A 48 -15.48 11.21 -20.33
N GLU A 49 -15.32 12.23 -21.16
CA GLU A 49 -16.31 12.55 -22.18
C GLU A 49 -16.50 11.41 -23.19
N ASN A 50 -15.45 11.11 -23.94
CA ASN A 50 -15.51 10.04 -24.94
C ASN A 50 -15.20 8.73 -24.23
N GLN A 51 -15.78 8.56 -23.04
CA GLN A 51 -15.58 7.35 -22.26
C GLN A 51 -16.70 6.40 -22.66
N LYS A 52 -16.76 5.26 -21.99
CA LYS A 52 -17.78 4.25 -22.28
C LYS A 52 -18.84 4.07 -21.19
N ASP A 53 -19.06 5.12 -20.40
CA ASP A 53 -20.05 5.06 -19.34
C ASP A 53 -20.24 6.42 -18.65
N PRO A 54 -21.50 6.79 -18.37
CA PRO A 54 -21.84 8.06 -17.72
C PRO A 54 -21.65 8.00 -16.20
N LEU A 55 -21.36 6.80 -15.70
CA LEU A 55 -21.15 6.60 -14.27
C LEU A 55 -19.67 6.43 -13.97
N ALA A 56 -18.84 6.59 -15.00
CA ALA A 56 -17.39 6.46 -14.86
C ALA A 56 -16.89 7.20 -13.62
N VAL A 57 -17.28 8.47 -13.50
CA VAL A 57 -16.87 9.28 -12.37
C VAL A 57 -17.35 8.67 -11.06
N ASP A 58 -18.57 8.14 -11.07
CA ASP A 58 -19.15 7.52 -9.87
C ASP A 58 -18.31 6.33 -9.44
N LYS A 59 -18.04 5.42 -10.38
CA LYS A 59 -17.25 4.23 -10.09
C LYS A 59 -15.81 4.60 -9.74
N ILE A 60 -15.26 5.59 -10.44
CA ILE A 60 -13.90 6.04 -10.20
C ILE A 60 -13.82 6.63 -8.79
N MET A 61 -14.78 7.49 -8.46
CA MET A 61 -14.84 8.12 -7.15
C MET A 61 -14.79 7.03 -6.07
N LYS A 62 -15.56 5.97 -6.28
CA LYS A 62 -15.63 4.86 -5.35
C LYS A 62 -14.25 4.23 -5.19
N ASP A 63 -13.57 3.97 -6.31
CA ASP A 63 -12.24 3.37 -6.28
C ASP A 63 -11.21 4.31 -5.70
N LEU A 64 -11.58 5.58 -5.50
CA LEU A 64 -10.68 6.57 -4.93
C LEU A 64 -10.66 6.79 -3.43
N ASP A 65 -11.83 7.09 -2.87
CA ASP A 65 -11.96 7.32 -1.44
C ASP A 65 -12.24 5.93 -0.89
N GLN A 66 -11.17 5.23 -0.53
CA GLN A 66 -11.27 3.87 0.01
C GLN A 66 -11.99 3.88 1.36
N CYS A 67 -12.32 5.07 1.85
CA CYS A 67 -13.01 5.21 3.12
C CYS A 67 -14.51 5.43 2.96
N ARG A 68 -14.93 5.88 1.78
CA ARG A 68 -16.35 6.12 1.52
C ARG A 68 -16.97 7.05 2.56
N ASP A 69 -16.58 8.31 2.53
CA ASP A 69 -17.09 9.32 3.44
C ASP A 69 -17.55 10.49 2.59
N GLY A 70 -16.88 10.66 1.46
CA GLY A 70 -17.21 11.74 0.54
C GLY A 70 -16.01 12.58 0.18
N LYS A 71 -15.13 12.80 1.14
CA LYS A 71 -13.93 13.61 0.93
C LYS A 71 -12.80 12.83 0.27
N VAL A 72 -11.97 13.54 -0.48
CA VAL A 72 -10.84 12.93 -1.17
C VAL A 72 -9.59 13.81 -1.01
N GLY A 73 -8.65 13.34 -0.21
CA GLY A 73 -7.43 14.10 0.03
C GLY A 73 -6.46 14.12 -1.13
N PHE A 74 -5.55 15.09 -1.11
CA PHE A 74 -4.56 15.26 -2.16
C PHE A 74 -3.83 13.96 -2.47
N GLN A 75 -3.55 13.17 -1.43
CA GLN A 75 -2.85 11.90 -1.60
C GLN A 75 -3.61 10.98 -2.54
N SER A 76 -4.74 10.45 -2.06
CA SER A 76 -5.57 9.57 -2.87
C SER A 76 -5.85 10.25 -4.21
N PHE A 77 -5.97 11.58 -4.17
CA PHE A 77 -6.23 12.36 -5.37
C PHE A 77 -5.10 12.16 -6.39
N PHE A 78 -3.87 12.43 -5.96
CA PHE A 78 -2.71 12.29 -6.82
C PHE A 78 -2.75 10.94 -7.52
N SER A 79 -3.06 9.89 -6.75
CA SER A 79 -3.15 8.54 -7.28
C SER A 79 -3.94 8.56 -8.58
N LEU A 80 -5.03 9.30 -8.60
CA LEU A 80 -5.87 9.41 -9.79
C LEU A 80 -5.05 10.02 -10.92
N ILE A 81 -4.30 11.08 -10.60
CA ILE A 81 -3.47 11.74 -11.58
C ILE A 81 -2.36 10.79 -12.02
N ALA A 82 -2.26 9.66 -11.34
CA ALA A 82 -1.25 8.65 -11.65
C ALA A 82 -1.84 7.56 -12.54
N GLY A 83 -2.86 6.88 -12.04
CA GLY A 83 -3.49 5.81 -12.79
C GLY A 83 -3.63 6.16 -14.27
N LEU A 84 -3.92 7.43 -14.55
CA LEU A 84 -4.07 7.88 -15.92
C LEU A 84 -2.71 8.00 -16.60
N THR A 85 -1.77 8.65 -15.93
CA THR A 85 -0.43 8.84 -16.47
C THR A 85 0.27 7.50 -16.66
N ILE A 86 0.17 6.62 -15.67
CA ILE A 86 0.80 5.31 -15.76
C ILE A 86 0.28 4.56 -16.98
N ALA A 87 -1.02 4.30 -17.00
CA ALA A 87 -1.64 3.60 -18.12
C ALA A 87 -1.28 4.31 -19.41
N CYS A 88 -1.24 5.63 -19.37
CA CYS A 88 -0.89 6.42 -20.55
C CYS A 88 0.53 6.12 -20.99
N ASN A 89 1.44 6.05 -20.02
CA ASN A 89 2.84 5.75 -20.30
C ASN A 89 2.98 4.43 -21.04
N ASP A 90 2.26 3.41 -20.57
CA ASP A 90 2.30 2.09 -21.19
C ASP A 90 1.96 2.17 -22.67
N TYR A 91 1.29 3.24 -23.07
CA TYR A 91 0.90 3.43 -24.46
C TYR A 91 2.13 3.68 -25.33
N PHE A 92 3.10 4.40 -24.78
CA PHE A 92 4.33 4.70 -25.50
C PHE A 92 5.04 3.39 -25.83
N VAL A 93 5.00 2.46 -24.88
CA VAL A 93 5.63 1.15 -25.03
C VAL A 93 5.03 0.35 -26.19
N VAL A 94 3.94 0.85 -26.75
CA VAL A 94 3.28 0.16 -27.86
C VAL A 94 2.80 1.10 -28.97
N HIS A 95 1.71 1.79 -28.71
CA HIS A 95 1.13 2.71 -29.69
C HIS A 95 1.94 4.00 -29.87
N MET A 96 3.25 3.85 -30.08
CA MET A 96 4.13 4.99 -30.26
C MET A 96 5.56 4.45 -30.40
N LYS A 97 6.54 5.30 -30.11
CA LYS A 97 7.95 4.93 -30.19
C LYS A 97 8.29 4.55 -31.63
N SER A 107 -0.92 18.59 -24.07
CA SER A 107 -1.72 18.71 -25.29
C SER A 107 -1.96 17.36 -25.94
N THR A 108 -0.91 16.54 -26.01
CA THR A 108 -1.01 15.22 -26.62
C THR A 108 -1.85 14.28 -25.76
N VAL A 109 -1.66 14.34 -24.45
CA VAL A 109 -2.41 13.49 -23.53
C VAL A 109 -3.90 13.71 -23.71
N HIS A 110 -4.27 14.92 -24.09
CA HIS A 110 -5.67 15.28 -24.33
C HIS A 110 -6.38 14.21 -25.14
N GLU A 111 -5.63 13.55 -26.01
CA GLU A 111 -6.17 12.51 -26.87
C GLU A 111 -5.82 11.12 -26.33
N ILE A 112 -4.56 10.93 -25.97
CA ILE A 112 -4.10 9.65 -25.44
C ILE A 112 -5.00 9.16 -24.31
N LEU A 113 -5.48 10.11 -23.50
CA LEU A 113 -6.37 9.78 -22.39
C LEU A 113 -7.70 9.24 -22.85
N SER A 114 -8.38 10.00 -23.71
CA SER A 114 -9.68 9.60 -24.24
C SER A 114 -9.61 8.33 -25.08
N LYS A 115 -8.40 7.89 -25.37
CA LYS A 115 -8.20 6.68 -26.16
C LYS A 115 -8.29 5.30 -25.54
N LEU A 116 -7.52 5.07 -24.47
CA LEU A 116 -7.52 3.77 -23.80
C LEU A 116 -8.16 3.99 -22.44
N SER A 117 -8.86 2.95 -21.98
CA SER A 117 -9.53 2.95 -20.69
C SER A 117 -9.68 1.52 -20.22
N LEU A 118 -10.19 1.36 -19.00
CA LEU A 118 -10.44 0.05 -18.42
C LEU A 118 -11.56 -0.67 -19.17
N PRO B 7 -6.32 20.80 -25.52
CA PRO B 7 -5.27 21.48 -24.76
C PRO B 7 -5.76 21.93 -23.38
N SER B 8 -5.17 21.38 -22.33
CA SER B 8 -5.56 21.74 -20.97
C SER B 8 -4.33 21.93 -20.09
N GLN B 9 -4.55 21.93 -18.78
CA GLN B 9 -3.46 22.11 -17.83
C GLN B 9 -2.93 20.76 -17.36
N MET B 10 -3.77 20.01 -16.64
CA MET B 10 -3.40 18.70 -16.14
C MET B 10 -2.81 17.84 -17.26
N GLU B 11 -3.48 17.81 -18.40
CA GLU B 11 -3.03 17.04 -19.54
C GLU B 11 -1.70 17.58 -20.04
N HIS B 12 -1.52 18.90 -19.92
CA HIS B 12 -0.29 19.54 -20.35
C HIS B 12 0.79 19.14 -19.36
N ALA B 13 0.38 18.91 -18.12
CA ALA B 13 1.29 18.50 -17.05
C ALA B 13 1.62 17.03 -17.21
N MET B 14 0.59 16.19 -17.17
CA MET B 14 0.76 14.75 -17.33
C MET B 14 1.68 14.48 -18.52
N GLU B 15 1.59 15.35 -19.52
CA GLU B 15 2.40 15.22 -20.72
C GLU B 15 3.87 15.32 -20.35
N THR B 16 4.23 16.41 -19.68
CA THR B 16 5.61 16.62 -19.25
C THR B 16 6.04 15.43 -18.41
N MET B 17 5.27 15.17 -17.35
CA MET B 17 5.54 14.07 -16.44
C MET B 17 5.90 12.80 -17.22
N MET B 18 5.18 12.57 -18.31
CA MET B 18 5.40 11.40 -19.15
C MET B 18 6.68 11.50 -19.99
N PHE B 19 7.00 12.71 -20.42
CA PHE B 19 8.20 12.92 -21.23
C PHE B 19 9.42 13.24 -20.39
N THR B 20 9.25 13.22 -19.07
CA THR B 20 10.36 13.51 -18.16
C THR B 20 10.99 12.24 -17.64
N PHE B 21 10.43 11.09 -18.03
CA PHE B 21 10.96 9.81 -17.60
C PHE B 21 11.94 9.23 -18.60
N HIS B 22 11.45 8.92 -19.80
CA HIS B 22 12.28 8.35 -20.85
C HIS B 22 13.43 9.28 -21.25
N LYS B 23 13.24 10.58 -21.08
CA LYS B 23 14.28 11.54 -21.43
C LYS B 23 15.52 11.26 -20.60
N PHE B 24 15.32 10.60 -19.46
CA PHE B 24 16.42 10.26 -18.56
C PHE B 24 16.59 8.75 -18.48
N ALA B 25 15.89 8.04 -19.36
CA ALA B 25 15.96 6.59 -19.40
C ALA B 25 16.47 6.12 -20.76
N GLY B 26 15.58 6.16 -21.76
CA GLY B 26 15.97 5.74 -23.10
C GLY B 26 15.32 4.43 -23.50
N ASP B 27 15.80 3.85 -24.60
CA ASP B 27 15.26 2.58 -25.09
C ASP B 27 15.27 1.54 -23.98
N LYS B 28 16.18 1.70 -23.03
CA LYS B 28 16.29 0.78 -21.90
C LYS B 28 14.98 0.76 -21.13
N GLY B 29 14.33 1.91 -21.03
CA GLY B 29 13.06 2.00 -20.35
C GLY B 29 13.06 1.87 -18.83
N TYR B 30 14.09 2.41 -18.17
CA TYR B 30 14.16 2.33 -16.72
C TYR B 30 15.24 3.25 -16.17
N LEU B 31 15.47 3.18 -14.86
CA LEU B 31 16.46 4.03 -14.22
C LEU B 31 17.26 3.32 -13.14
N THR B 32 18.58 3.50 -13.18
CA THR B 32 19.46 2.88 -12.19
C THR B 32 19.86 3.95 -11.17
N LYS B 33 20.55 3.53 -10.12
CA LYS B 33 20.98 4.46 -9.08
C LYS B 33 21.62 5.71 -9.68
N GLU B 34 22.49 5.52 -10.65
CA GLU B 34 23.16 6.64 -11.30
C GLU B 34 22.20 7.41 -12.20
N ASP B 35 21.08 6.78 -12.56
CA ASP B 35 20.08 7.42 -13.40
C ASP B 35 19.24 8.40 -12.59
N LEU B 36 18.84 7.97 -11.40
CA LEU B 36 18.04 8.82 -10.52
C LEU B 36 18.88 10.04 -10.14
N ARG B 37 20.05 9.77 -9.59
CA ARG B 37 20.99 10.81 -9.18
C ARG B 37 21.08 11.93 -10.20
N VAL B 38 21.49 11.58 -11.42
CA VAL B 38 21.63 12.54 -12.50
C VAL B 38 20.29 13.20 -12.85
N LEU B 39 19.21 12.44 -12.70
CA LEU B 39 17.87 12.96 -13.00
C LEU B 39 17.51 14.10 -12.06
N MET B 40 17.46 13.79 -10.77
CA MET B 40 17.12 14.77 -9.74
C MET B 40 18.08 15.95 -9.73
N GLU B 41 19.10 15.89 -10.59
CA GLU B 41 20.10 16.95 -10.68
C GLU B 41 20.14 17.52 -12.10
N LYS B 42 19.29 16.99 -12.96
CA LYS B 42 19.22 17.43 -14.34
C LYS B 42 17.86 18.07 -14.62
N GLU B 43 16.98 18.00 -13.63
CA GLU B 43 15.65 18.58 -13.76
C GLU B 43 15.30 19.44 -12.55
N PHE B 44 15.18 18.80 -11.38
CA PHE B 44 14.85 19.50 -10.16
C PHE B 44 15.94 19.43 -9.10
N PRO B 45 17.04 20.19 -9.29
CA PRO B 45 18.15 20.21 -8.34
C PRO B 45 17.85 21.12 -7.14
N GLY B 46 16.79 21.92 -7.27
CA GLY B 46 16.41 22.82 -6.20
C GLY B 46 16.07 22.19 -4.86
N PHE B 47 16.28 20.88 -4.78
CA PHE B 47 16.00 20.11 -3.57
C PHE B 47 17.20 19.32 -3.03
N LEU B 48 17.55 18.25 -3.74
CA LEU B 48 18.67 17.41 -3.37
C LEU B 48 19.92 18.21 -3.06
N GLU B 49 20.09 19.33 -3.75
CA GLU B 49 21.24 20.20 -3.56
C GLU B 49 21.33 20.75 -2.15
N ASN B 50 20.36 21.56 -1.77
CA ASN B 50 20.33 22.16 -0.44
C ASN B 50 19.78 21.17 0.59
N GLN B 51 19.97 19.89 0.31
CA GLN B 51 19.50 18.82 1.20
C GLN B 51 20.45 18.71 2.38
N LYS B 52 20.21 17.72 3.23
CA LYS B 52 21.03 17.50 4.41
C LYS B 52 21.88 16.22 4.37
N ASP B 53 22.20 15.76 3.17
CA ASP B 53 23.01 14.56 3.01
C ASP B 53 23.37 14.30 1.55
N PRO B 54 24.64 13.92 1.30
CA PRO B 54 25.13 13.64 -0.06
C PRO B 54 24.74 12.23 -0.53
N LEU B 55 24.15 11.45 0.38
CA LEU B 55 23.73 10.09 0.07
C LEU B 55 22.21 10.04 -0.10
N ALA B 56 21.58 11.20 -0.04
CA ALA B 56 20.13 11.30 -0.18
C ALA B 56 19.64 10.47 -1.35
N VAL B 57 20.25 10.66 -2.51
CA VAL B 57 19.86 9.92 -3.70
C VAL B 57 20.03 8.43 -3.49
N ASP B 58 21.11 8.05 -2.81
CA ASP B 58 21.38 6.64 -2.54
C ASP B 58 20.27 6.03 -1.70
N LYS B 59 19.95 6.68 -0.58
CA LYS B 59 18.90 6.20 0.32
C LYS B 59 17.53 6.28 -0.35
N ILE B 60 17.31 7.32 -1.14
CA ILE B 60 16.04 7.49 -1.84
C ILE B 60 15.90 6.37 -2.87
N MET B 61 16.96 6.15 -3.64
CA MET B 61 16.98 5.09 -4.64
C MET B 61 16.57 3.77 -4.00
N LYS B 62 17.11 3.51 -2.82
CA LYS B 62 16.84 2.29 -2.08
C LYS B 62 15.35 2.21 -1.75
N ASP B 63 14.79 3.30 -1.24
CA ASP B 63 13.37 3.34 -0.88
C ASP B 63 12.47 3.28 -2.12
N LEU B 64 13.07 3.39 -3.30
CA LEU B 64 12.31 3.35 -4.54
C LEU B 64 12.15 1.98 -5.20
N ASP B 65 13.27 1.37 -5.56
CA ASP B 65 13.26 0.05 -6.19
C ASP B 65 13.18 -0.94 -5.03
N GLN B 66 11.95 -1.28 -4.66
CA GLN B 66 11.71 -2.22 -3.55
C GLN B 66 12.24 -3.61 -3.89
N CYS B 67 12.72 -3.77 -5.12
CA CYS B 67 13.25 -5.05 -5.58
C CYS B 67 14.78 -5.11 -5.48
N ARG B 68 15.42 -3.95 -5.50
CA ARG B 68 16.88 -3.90 -5.42
C ARG B 68 17.53 -4.71 -6.54
N ASP B 69 17.42 -4.22 -7.77
CA ASP B 69 18.00 -4.87 -8.92
C ASP B 69 18.78 -3.80 -9.67
N GLY B 70 18.32 -2.56 -9.54
CA GLY B 70 18.97 -1.45 -10.19
C GLY B 70 18.03 -0.63 -11.04
N LYS B 71 17.08 -1.30 -11.69
CA LYS B 71 16.12 -0.64 -12.56
C LYS B 71 14.95 -0.04 -11.77
N VAL B 72 14.37 1.04 -12.31
CA VAL B 72 13.24 1.71 -11.68
C VAL B 72 12.20 2.06 -12.74
N GLY B 73 11.07 1.35 -12.70
CA GLY B 73 10.01 1.58 -13.67
C GLY B 73 9.23 2.86 -13.45
N PHE B 74 8.53 3.30 -14.49
CA PHE B 74 7.74 4.53 -14.44
C PHE B 74 6.81 4.55 -13.23
N GLN B 75 6.24 3.41 -12.90
CA GLN B 75 5.33 3.30 -11.77
C GLN B 75 6.01 3.76 -10.48
N SER B 76 6.93 2.95 -9.97
CA SER B 76 7.66 3.28 -8.76
C SER B 76 8.26 4.67 -8.90
N PHE B 77 8.64 5.02 -10.13
CA PHE B 77 9.20 6.33 -10.43
C PHE B 77 8.21 7.42 -10.07
N PHE B 78 7.01 7.35 -10.65
CA PHE B 78 5.97 8.33 -10.39
C PHE B 78 5.85 8.57 -8.90
N SER B 79 5.83 7.48 -8.14
CA SER B 79 5.72 7.55 -6.69
C SER B 79 6.66 8.64 -6.16
N LEU B 80 7.87 8.66 -6.69
CA LEU B 80 8.87 9.65 -6.29
C LEU B 80 8.33 11.04 -6.60
N ILE B 81 7.77 11.19 -7.79
CA ILE B 81 7.22 12.47 -8.22
C ILE B 81 6.02 12.81 -7.33
N ALA B 82 5.60 11.84 -6.53
CA ALA B 82 4.45 12.02 -5.64
C ALA B 82 4.92 12.39 -4.24
N GLY B 83 5.72 11.52 -3.64
CA GLY B 83 6.22 11.78 -2.30
C GLY B 83 6.61 13.23 -2.10
N LEU B 84 7.18 13.84 -3.13
CA LEU B 84 7.59 15.23 -3.08
C LEU B 84 6.38 16.16 -3.15
N THR B 85 5.52 15.93 -4.14
CA THR B 85 4.32 16.75 -4.32
C THR B 85 3.39 16.65 -3.12
N ILE B 86 3.21 15.43 -2.61
CA ILE B 86 2.36 15.22 -1.44
C ILE B 86 2.87 16.03 -0.26
N ALA B 87 4.09 15.74 0.16
CA ALA B 87 4.70 16.45 1.28
C ALA B 87 4.67 17.95 1.01
N CYS B 88 4.87 18.32 -0.25
CA CYS B 88 4.85 19.73 -0.65
C CYS B 88 3.45 20.31 -0.42
N ASN B 89 2.44 19.55 -0.81
CA ASN B 89 1.06 19.98 -0.65
C ASN B 89 0.75 20.30 0.80
N ASP B 90 1.18 19.41 1.70
CA ASP B 90 0.95 19.61 3.12
C ASP B 90 1.48 20.96 3.59
N TYR B 91 2.41 21.52 2.83
CA TYR B 91 3.02 22.80 3.18
C TYR B 91 1.98 23.92 3.05
N PHE B 92 1.11 23.80 2.05
CA PHE B 92 0.07 24.79 1.83
C PHE B 92 -0.84 24.84 3.06
N VAL B 93 -1.09 23.67 3.62
CA VAL B 93 -1.94 23.53 4.80
C VAL B 93 -1.38 24.26 6.01
N VAL B 94 -0.14 24.74 5.89
CA VAL B 94 0.50 25.44 7.00
C VAL B 94 1.29 26.67 6.56
N HIS B 95 2.46 26.43 5.98
CA HIS B 95 3.34 27.52 5.54
C HIS B 95 2.82 28.22 4.28
N MET B 96 1.55 28.62 4.31
CA MET B 96 0.94 29.31 3.17
C MET B 96 -0.55 29.42 3.50
N LYS B 97 -1.34 29.79 2.49
CA LYS B 97 -2.79 29.94 2.65
C LYS B 97 -3.00 31.23 3.44
N SER B 107 7.75 26.69 -10.80
CA SER B 107 8.71 27.70 -10.41
C SER B 107 8.77 27.85 -8.90
N THR B 108 7.60 27.87 -8.27
CA THR B 108 7.50 28.03 -6.82
C THR B 108 8.03 26.79 -6.11
N VAL B 109 7.67 25.61 -6.61
CA VAL B 109 8.12 24.35 -6.03
C VAL B 109 9.64 24.31 -5.95
N HIS B 110 10.28 24.96 -6.90
CA HIS B 110 11.74 25.01 -6.96
C HIS B 110 12.33 25.31 -5.59
N GLU B 111 11.58 26.07 -4.79
CA GLU B 111 12.01 26.45 -3.46
C GLU B 111 11.32 25.60 -2.39
N ILE B 112 10.01 25.44 -2.52
CA ILE B 112 9.24 24.66 -1.56
C ILE B 112 9.86 23.28 -1.36
N LEU B 113 10.43 22.73 -2.43
CA LEU B 113 11.07 21.42 -2.38
C LEU B 113 12.33 21.43 -1.52
N SER B 114 13.25 22.33 -1.84
CA SER B 114 14.51 22.44 -1.11
C SER B 114 14.30 22.85 0.34
N LYS B 115 13.07 23.24 0.68
CA LYS B 115 12.74 23.66 2.04
C LYS B 115 12.43 22.68 3.15
N LEU B 116 11.57 21.70 2.87
CA LEU B 116 11.18 20.72 3.87
C LEU B 116 11.65 19.38 3.31
N SER B 117 12.09 18.51 4.22
CA SER B 117 12.57 17.18 3.87
C SER B 117 12.19 16.25 5.03
N LEU B 118 11.93 14.99 4.72
CA LEU B 118 11.54 14.02 5.74
C LEU B 118 12.11 12.63 5.45
N GLU B 119 12.70 12.02 6.47
CA GLU B 119 13.27 10.68 6.32
C GLU B 119 12.15 9.64 6.34
N PRO C 7 -9.12 -31.17 9.24
CA PRO C 7 -7.99 -30.97 10.18
C PRO C 7 -6.91 -30.08 9.57
N SER C 8 -6.63 -28.96 10.23
CA SER C 8 -5.62 -28.03 9.76
C SER C 8 -5.21 -27.06 10.85
N GLN C 9 -3.91 -26.78 10.94
CA GLN C 9 -3.38 -25.87 11.94
C GLN C 9 -3.60 -24.37 11.76
N MET C 10 -3.17 -23.86 10.61
CA MET C 10 -3.30 -22.44 10.29
C MET C 10 -4.78 -22.13 10.18
N GLU C 11 -5.53 -23.04 9.56
CA GLU C 11 -6.96 -22.85 9.39
C GLU C 11 -7.68 -22.66 10.72
N HIS C 12 -7.37 -23.52 11.69
CA HIS C 12 -7.99 -23.41 13.01
C HIS C 12 -7.33 -22.26 13.75
N ALA C 13 -6.10 -21.93 13.34
CA ALA C 13 -5.34 -20.84 13.94
C ALA C 13 -5.96 -19.51 13.55
N MET C 14 -6.22 -19.34 12.26
CA MET C 14 -6.81 -18.11 11.75
C MET C 14 -8.23 -17.97 12.28
N GLU C 15 -8.87 -19.11 12.54
CA GLU C 15 -10.23 -19.11 13.06
C GLU C 15 -10.22 -18.49 14.46
N THR C 16 -9.27 -18.92 15.26
CA THR C 16 -9.13 -18.41 16.63
C THR C 16 -8.64 -16.98 16.60
N MET C 17 -8.15 -16.55 15.43
CA MET C 17 -7.62 -15.20 15.26
C MET C 17 -8.65 -14.31 14.55
N MET C 18 -9.57 -14.95 13.85
CA MET C 18 -10.62 -14.26 13.12
C MET C 18 -11.74 -13.77 14.05
N PHE C 19 -12.40 -14.72 14.73
CA PHE C 19 -13.48 -14.38 15.64
C PHE C 19 -13.03 -13.54 16.81
N THR C 20 -11.74 -13.57 17.12
CA THR C 20 -11.22 -12.77 18.24
C THR C 20 -11.42 -11.29 17.99
N PHE C 21 -11.20 -10.86 16.74
CA PHE C 21 -11.37 -9.46 16.38
C PHE C 21 -12.72 -8.95 16.89
N HIS C 22 -13.76 -9.74 16.63
CA HIS C 22 -15.12 -9.38 17.06
C HIS C 22 -15.32 -9.61 18.56
N LYS C 23 -14.52 -10.50 19.13
CA LYS C 23 -14.62 -10.79 20.56
C LYS C 23 -14.08 -9.61 21.36
N PHE C 24 -13.39 -8.70 20.66
CA PHE C 24 -12.81 -7.53 21.29
C PHE C 24 -13.33 -6.24 20.64
N ALA C 25 -13.79 -6.36 19.40
CA ALA C 25 -14.33 -5.22 18.67
C ALA C 25 -15.84 -5.15 18.87
N GLY C 26 -16.47 -6.30 19.02
CA GLY C 26 -17.90 -6.35 19.22
C GLY C 26 -18.67 -6.49 17.91
N ASP C 27 -20.00 -6.64 18.02
CA ASP C 27 -20.84 -6.78 16.85
C ASP C 27 -20.79 -5.49 16.04
N LYS C 28 -20.52 -4.39 16.73
CA LYS C 28 -20.43 -3.07 16.11
C LYS C 28 -19.53 -3.12 14.88
N GLY C 29 -18.63 -4.10 14.85
CA GLY C 29 -17.74 -4.27 13.71
C GLY C 29 -16.44 -3.49 13.71
N TYR C 30 -16.01 -3.02 14.88
CA TYR C 30 -14.76 -2.27 14.94
C TYR C 30 -14.35 -1.95 16.37
N LEU C 31 -13.24 -1.23 16.52
CA LEU C 31 -12.73 -0.86 17.83
C LEU C 31 -11.91 0.42 17.82
N THR C 32 -12.00 1.18 18.90
CA THR C 32 -11.25 2.43 19.04
C THR C 32 -10.20 2.18 20.11
N LYS C 33 -9.19 3.04 20.19
CA LYS C 33 -8.14 2.88 21.19
C LYS C 33 -8.71 2.41 22.52
N GLU C 34 -9.93 2.87 22.84
CA GLU C 34 -10.59 2.49 24.07
C GLU C 34 -10.94 1.00 24.01
N ASP C 35 -11.34 0.56 22.82
CA ASP C 35 -11.72 -0.84 22.60
C ASP C 35 -10.48 -1.67 22.30
N LEU C 36 -9.51 -1.05 21.63
CA LEU C 36 -8.27 -1.71 21.28
C LEU C 36 -7.40 -1.97 22.51
N ARG C 37 -7.23 -0.93 23.33
CA ARG C 37 -6.43 -1.02 24.53
C ARG C 37 -6.81 -2.24 25.35
N VAL C 38 -8.07 -2.27 25.81
CA VAL C 38 -8.56 -3.37 26.61
C VAL C 38 -8.17 -4.69 25.96
N LEU C 39 -8.28 -4.76 24.63
CA LEU C 39 -7.91 -5.95 23.88
C LEU C 39 -6.43 -6.24 24.07
N MET C 40 -5.60 -5.25 23.77
CA MET C 40 -4.15 -5.38 23.89
C MET C 40 -3.75 -5.91 25.27
N GLU C 41 -4.66 -5.79 26.23
CA GLU C 41 -4.40 -6.25 27.59
C GLU C 41 -5.12 -7.56 27.91
N LYS C 42 -6.18 -7.85 27.18
CA LYS C 42 -6.94 -9.09 27.37
C LYS C 42 -6.21 -10.16 26.58
N GLU C 43 -5.32 -9.73 25.69
CA GLU C 43 -4.53 -10.64 24.87
C GLU C 43 -3.11 -10.10 24.68
N PHE C 44 -2.13 -10.93 24.98
CA PHE C 44 -0.73 -10.53 24.86
C PHE C 44 -0.44 -9.29 25.70
N PRO C 45 -0.69 -9.38 27.00
CA PRO C 45 -0.48 -8.27 27.92
C PRO C 45 1.02 -8.14 28.22
N GLY C 46 1.68 -9.28 28.31
CA GLY C 46 3.11 -9.29 28.57
C GLY C 46 3.74 -8.11 27.86
N PHE C 47 3.46 -8.00 26.57
CA PHE C 47 4.01 -6.94 25.74
C PHE C 47 4.06 -5.52 26.33
N LEU C 48 3.17 -4.67 25.83
CA LEU C 48 3.16 -3.25 26.16
C LEU C 48 3.50 -3.11 27.66
N GLU C 49 3.04 -4.05 28.48
CA GLU C 49 3.26 -3.95 29.92
C GLU C 49 4.73 -3.82 30.28
N ASN C 50 5.60 -4.12 29.33
CA ASN C 50 7.04 -4.03 29.55
C ASN C 50 7.68 -3.07 28.55
N GLN C 51 6.86 -2.23 27.94
CA GLN C 51 7.36 -1.27 26.97
C GLN C 51 7.97 -0.15 27.79
N LYS C 52 8.90 0.58 27.19
CA LYS C 52 9.59 1.66 27.86
C LYS C 52 8.73 2.90 27.63
N ASP C 53 7.49 2.70 27.20
CA ASP C 53 6.60 3.84 26.95
C ASP C 53 5.17 3.58 27.41
N PRO C 54 4.52 4.61 28.00
CA PRO C 54 3.15 4.54 28.50
C PRO C 54 2.14 4.90 27.41
N LEU C 55 2.60 5.61 26.40
CA LEU C 55 1.74 6.03 25.28
C LEU C 55 1.60 4.94 24.23
N ALA C 56 1.99 3.72 24.58
CA ALA C 56 1.91 2.57 23.68
C ALA C 56 0.75 2.32 22.73
N VAL C 57 -0.45 2.21 23.28
CA VAL C 57 -1.65 1.96 22.50
C VAL C 57 -1.97 3.28 21.82
N ASP C 58 -2.10 4.33 22.62
CA ASP C 58 -2.42 5.67 22.10
C ASP C 58 -1.57 6.03 20.90
N LYS C 59 -0.30 5.62 20.91
CA LYS C 59 0.61 5.92 19.82
C LYS C 59 0.42 5.01 18.60
N ILE C 60 0.22 3.71 18.83
CA ILE C 60 0.02 2.78 17.74
C ILE C 60 -1.30 3.12 17.03
N MET C 61 -2.27 3.58 17.82
CA MET C 61 -3.58 3.94 17.28
C MET C 61 -3.42 4.79 16.04
N LYS C 62 -2.79 5.95 16.20
CA LYS C 62 -2.56 6.87 15.08
C LYS C 62 -1.95 6.14 13.90
N ASP C 63 -1.10 5.15 14.19
CA ASP C 63 -0.45 4.37 13.14
C ASP C 63 -1.41 3.37 12.52
N LEU C 64 -2.63 3.31 13.04
CA LEU C 64 -3.64 2.38 12.53
C LEU C 64 -4.71 3.01 11.65
N ASP C 65 -5.58 3.81 12.25
CA ASP C 65 -6.65 4.47 11.53
C ASP C 65 -5.99 5.51 10.63
N GLN C 66 -5.62 5.08 9.41
CA GLN C 66 -4.95 5.99 8.47
C GLN C 66 -5.91 7.01 7.85
N CYS C 67 -7.21 6.76 7.97
CA CYS C 67 -8.21 7.70 7.45
C CYS C 67 -8.87 8.42 8.62
N ARG C 68 -8.45 8.07 9.83
CA ARG C 68 -8.95 8.73 11.03
C ARG C 68 -10.46 8.79 11.29
N ASP C 69 -11.03 7.67 11.73
CA ASP C 69 -12.40 7.63 12.21
C ASP C 69 -12.57 7.06 13.61
N GLY C 70 -11.44 6.91 14.31
CA GLY C 70 -11.46 6.35 15.65
C GLY C 70 -11.91 4.91 15.58
N LYS C 71 -12.11 4.42 14.36
CA LYS C 71 -12.55 3.05 14.15
C LYS C 71 -11.47 2.19 13.50
N VAL C 72 -11.31 0.96 14.00
CA VAL C 72 -10.33 0.04 13.48
C VAL C 72 -11.01 -1.26 13.05
N GLY C 73 -10.96 -1.56 11.75
CA GLY C 73 -11.59 -2.76 11.24
C GLY C 73 -10.65 -3.94 11.10
N PHE C 74 -11.23 -5.14 11.01
CA PHE C 74 -10.45 -6.37 10.87
C PHE C 74 -9.31 -6.20 9.88
N GLN C 75 -9.58 -5.47 8.80
CA GLN C 75 -8.57 -5.24 7.77
C GLN C 75 -7.34 -4.53 8.33
N SER C 76 -7.52 -3.28 8.75
CA SER C 76 -6.42 -2.51 9.32
C SER C 76 -5.95 -3.19 10.59
N PHE C 77 -6.90 -3.78 11.32
CA PHE C 77 -6.60 -4.47 12.57
C PHE C 77 -5.58 -5.58 12.36
N PHE C 78 -5.75 -6.36 11.30
CA PHE C 78 -4.84 -7.45 11.01
C PHE C 78 -3.41 -6.94 10.85
N SER C 79 -3.27 -5.76 10.24
CA SER C 79 -1.94 -5.18 10.04
C SER C 79 -1.23 -5.12 11.38
N LEU C 80 -2.01 -5.05 12.46
CA LEU C 80 -1.48 -5.02 13.81
C LEU C 80 -0.94 -6.40 14.17
N ILE C 81 -1.84 -7.38 14.14
CA ILE C 81 -1.47 -8.75 14.46
C ILE C 81 -0.36 -9.21 13.54
N ALA C 82 -0.29 -8.57 12.37
CA ALA C 82 0.72 -8.89 11.37
C ALA C 82 2.04 -8.21 11.72
N GLY C 83 2.08 -6.90 11.54
CA GLY C 83 3.29 -6.15 11.84
C GLY C 83 3.94 -6.61 13.12
N LEU C 84 3.11 -7.05 14.07
CA LEU C 84 3.61 -7.54 15.35
C LEU C 84 4.28 -8.90 15.15
N THR C 85 3.65 -9.75 14.33
CA THR C 85 4.18 -11.07 14.04
C THR C 85 5.44 -11.00 13.20
N ILE C 86 5.49 -10.05 12.27
CA ILE C 86 6.65 -9.88 11.41
C ILE C 86 7.91 -9.63 12.23
N ALA C 87 8.01 -8.43 12.79
CA ALA C 87 9.16 -8.07 13.61
C ALA C 87 9.43 -9.14 14.64
N CYS C 88 8.35 -9.69 15.22
CA CYS C 88 8.47 -10.74 16.22
C CYS C 88 9.18 -11.94 15.61
N ASN C 89 9.06 -12.10 14.30
CA ASN C 89 9.70 -13.20 13.59
C ASN C 89 11.16 -12.90 13.35
N ASP C 90 11.46 -11.68 12.92
CA ASP C 90 12.83 -11.27 12.65
C ASP C 90 13.71 -11.59 13.86
N TYR C 91 13.23 -11.21 15.04
CA TYR C 91 13.96 -11.46 16.28
C TYR C 91 14.13 -12.95 16.51
N PHE C 92 13.10 -13.72 16.17
CA PHE C 92 13.13 -15.17 16.34
C PHE C 92 14.40 -15.73 15.69
N VAL C 93 14.42 -15.70 14.37
CA VAL C 93 15.55 -16.20 13.59
C VAL C 93 16.90 -15.83 14.17
N VAL C 94 17.07 -14.56 14.51
CA VAL C 94 18.33 -14.07 15.07
C VAL C 94 18.51 -14.41 16.55
N HIS C 95 17.46 -14.91 17.18
CA HIS C 95 17.53 -15.25 18.60
C HIS C 95 16.75 -16.50 18.98
N MET C 96 16.98 -17.60 18.26
CA MET C 96 16.29 -18.86 18.50
C MET C 96 16.53 -19.86 17.37
N LYS C 97 17.65 -19.73 16.67
CA LYS C 97 17.97 -20.62 15.56
C LYS C 97 18.72 -21.86 16.04
N SER C 107 2.76 -18.42 25.02
CA SER C 107 3.79 -19.41 25.27
C SER C 107 5.17 -18.90 24.84
N THR C 108 5.61 -19.30 23.66
CA THR C 108 6.90 -18.88 23.13
C THR C 108 6.93 -17.39 22.82
N VAL C 109 6.20 -16.98 21.79
CA VAL C 109 6.14 -15.58 21.39
C VAL C 109 5.78 -14.71 22.57
N HIS C 110 5.17 -15.31 23.59
CA HIS C 110 4.78 -14.59 24.78
C HIS C 110 5.98 -13.81 25.32
N GLU C 111 7.14 -14.45 25.32
CA GLU C 111 8.36 -13.82 25.79
C GLU C 111 9.02 -13.03 24.66
N ILE C 112 9.01 -13.62 23.46
CA ILE C 112 9.60 -12.98 22.29
C ILE C 112 9.05 -11.58 22.08
N LEU C 113 7.74 -11.45 22.22
CA LEU C 113 7.06 -10.16 22.04
C LEU C 113 7.53 -9.11 23.05
N SER C 114 7.84 -9.55 24.26
CA SER C 114 8.28 -8.65 25.32
C SER C 114 9.80 -8.44 25.31
N LYS C 115 10.43 -8.70 24.17
CA LYS C 115 11.87 -8.53 24.03
C LYS C 115 12.26 -7.38 23.12
N LEU C 116 11.42 -7.05 22.16
CA LEU C 116 11.71 -5.98 21.21
C LEU C 116 10.48 -5.15 20.89
N SER C 117 10.70 -3.92 20.42
CA SER C 117 9.61 -3.01 20.07
C SER C 117 10.36 -1.99 19.21
N LEU C 118 9.77 -0.82 19.03
CA LEU C 118 10.38 0.23 18.23
C LEU C 118 11.87 0.61 18.34
N PRO D 7 0.93 -17.43 28.65
CA PRO D 7 0.12 -18.26 27.74
C PRO D 7 -1.21 -17.60 27.40
N SER D 8 -1.41 -17.28 26.12
CA SER D 8 -2.65 -16.65 25.68
C SER D 8 -3.16 -17.29 24.40
N GLN D 9 -4.08 -16.61 23.73
CA GLN D 9 -4.65 -17.11 22.49
C GLN D 9 -3.90 -16.55 21.29
N MET D 10 -4.00 -15.24 21.09
CA MET D 10 -3.32 -14.56 19.99
C MET D 10 -1.85 -14.96 19.94
N GLU D 11 -1.20 -14.93 21.10
CA GLU D 11 0.22 -15.29 21.19
C GLU D 11 0.40 -16.75 20.82
N HIS D 12 -0.59 -17.57 21.17
CA HIS D 12 -0.54 -18.99 20.88
C HIS D 12 -0.72 -19.15 19.37
N ALA D 13 -1.46 -18.21 18.78
CA ALA D 13 -1.72 -18.21 17.34
C ALA D 13 -0.48 -17.69 16.62
N MET D 14 -0.09 -16.46 16.94
CA MET D 14 1.07 -15.84 16.33
C MET D 14 2.23 -16.83 16.35
N GLU D 15 2.27 -17.65 17.39
CA GLU D 15 3.31 -18.65 17.54
C GLU D 15 3.26 -19.62 16.36
N THR D 16 2.09 -20.23 16.15
CA THR D 16 1.90 -21.16 15.06
C THR D 16 2.26 -20.45 13.75
N MET D 17 1.61 -19.33 13.51
CA MET D 17 1.84 -18.52 12.31
C MET D 17 3.33 -18.39 12.04
N MET D 18 4.10 -18.20 13.10
CA MET D 18 5.54 -18.04 13.00
C MET D 18 6.26 -19.36 12.70
N PHE D 19 5.76 -20.45 13.25
CA PHE D 19 6.36 -21.76 13.04
C PHE D 19 5.78 -22.48 11.82
N THR D 20 4.88 -21.82 11.11
CA THR D 20 4.25 -22.42 9.94
C THR D 20 4.93 -21.92 8.66
N PHE D 21 5.92 -21.05 8.81
CA PHE D 21 6.63 -20.53 7.66
C PHE D 21 7.91 -21.32 7.39
N HIS D 22 8.85 -21.27 8.33
CA HIS D 22 10.11 -21.98 8.18
C HIS D 22 9.92 -23.49 8.04
N LYS D 23 8.85 -24.02 8.61
CA LYS D 23 8.57 -25.45 8.52
C LYS D 23 8.44 -25.86 7.06
N PHE D 24 8.11 -24.89 6.21
CA PHE D 24 7.96 -25.12 4.79
C PHE D 24 9.03 -24.36 4.00
N ALA D 25 9.99 -23.81 4.73
CA ALA D 25 11.08 -23.07 4.11
C ALA D 25 12.42 -23.71 4.43
N GLY D 26 12.90 -23.51 5.64
CA GLY D 26 14.17 -24.10 6.05
C GLY D 26 15.26 -23.06 6.18
N ASP D 27 16.51 -23.52 6.31
CA ASP D 27 17.65 -22.62 6.45
C ASP D 27 17.64 -21.59 5.33
N LYS D 28 17.07 -21.96 4.20
CA LYS D 28 16.98 -21.07 3.05
C LYS D 28 16.25 -19.78 3.43
N GLY D 29 15.23 -19.92 4.28
CA GLY D 29 14.48 -18.78 4.75
C GLY D 29 13.57 -18.09 3.75
N TYR D 30 12.93 -18.86 2.87
CA TYR D 30 12.03 -18.28 1.88
C TYR D 30 11.18 -19.35 1.21
N LEU D 31 10.39 -18.94 0.21
CA LEU D 31 9.52 -19.88 -0.48
C LEU D 31 9.46 -19.61 -1.98
N THR D 32 9.58 -20.68 -2.77
CA THR D 32 9.52 -20.58 -4.23
C THR D 32 8.15 -21.06 -4.68
N LYS D 33 7.86 -20.90 -5.97
CA LYS D 33 6.58 -21.31 -6.52
C LYS D 33 6.21 -22.71 -6.06
N GLU D 34 7.16 -23.63 -6.13
CA GLU D 34 6.91 -25.00 -5.70
C GLU D 34 6.79 -25.11 -4.19
N ASP D 35 7.28 -24.09 -3.47
CA ASP D 35 7.20 -24.06 -2.02
C ASP D 35 5.80 -23.69 -1.57
N LEU D 36 5.22 -22.67 -2.21
CA LEU D 36 3.89 -22.22 -1.87
C LEU D 36 2.91 -23.35 -2.15
N ARG D 37 2.94 -23.82 -3.40
CA ARG D 37 2.09 -24.91 -3.86
C ARG D 37 1.99 -26.02 -2.81
N VAL D 38 3.13 -26.62 -2.50
CA VAL D 38 3.17 -27.70 -1.52
C VAL D 38 2.70 -27.24 -0.14
N LEU D 39 2.96 -25.98 0.19
CA LEU D 39 2.55 -25.42 1.48
C LEU D 39 1.03 -25.42 1.60
N MET D 40 0.38 -24.69 0.70
CA MET D 40 -1.08 -24.58 0.70
C MET D 40 -1.76 -25.94 0.54
N GLU D 41 -0.96 -26.98 0.35
CA GLU D 41 -1.48 -28.33 0.19
C GLU D 41 -0.93 -29.26 1.27
N LYS D 42 -0.11 -28.70 2.16
CA LYS D 42 0.48 -29.46 3.26
C LYS D 42 -0.05 -28.94 4.59
N GLU D 43 -0.81 -27.87 4.54
CA GLU D 43 -1.38 -27.28 5.75
C GLU D 43 -2.87 -27.02 5.57
N PHE D 44 -3.22 -26.10 4.68
CA PHE D 44 -4.61 -25.76 4.42
C PHE D 44 -5.07 -26.09 3.00
N PRO D 45 -5.30 -27.38 2.72
CA PRO D 45 -5.75 -27.81 1.38
C PRO D 45 -7.25 -27.60 1.22
N GLY D 46 -7.93 -27.35 2.33
CA GLY D 46 -9.37 -27.14 2.29
C GLY D 46 -9.86 -25.96 1.48
N PHE D 47 -8.96 -25.41 0.67
CA PHE D 47 -9.26 -24.27 -0.18
C PHE D 47 -8.84 -24.48 -1.63
N LEU D 48 -7.53 -24.41 -1.87
CA LEU D 48 -6.96 -24.59 -3.20
C LEU D 48 -7.52 -25.82 -3.89
N GLU D 49 -7.83 -26.85 -3.11
CA GLU D 49 -8.36 -28.09 -3.65
C GLU D 49 -9.71 -27.89 -4.36
N ASN D 50 -10.72 -27.49 -3.61
CA ASN D 50 -12.05 -27.27 -4.16
C ASN D 50 -12.13 -25.90 -4.84
N GLN D 51 -11.00 -25.43 -5.29
CA GLN D 51 -10.92 -24.14 -5.96
C GLN D 51 -11.43 -24.29 -7.40
N LYS D 52 -11.36 -23.19 -8.18
CA LYS D 52 -11.82 -23.19 -9.57
C LYS D 52 -10.73 -23.11 -10.63
N ASP D 53 -9.53 -23.57 -10.29
CA ASP D 53 -8.42 -23.54 -11.22
C ASP D 53 -7.18 -24.25 -10.67
N PRO D 54 -6.50 -25.06 -11.51
CA PRO D 54 -5.30 -25.80 -11.12
C PRO D 54 -4.05 -24.92 -11.14
N LEU D 55 -4.20 -23.69 -11.63
CA LEU D 55 -3.09 -22.75 -11.70
C LEU D 55 -3.22 -21.69 -10.62
N ALA D 56 -4.23 -21.85 -9.76
CA ALA D 56 -4.47 -20.91 -8.67
C ALA D 56 -3.18 -20.56 -7.96
N VAL D 57 -2.42 -21.58 -7.56
CA VAL D 57 -1.16 -21.37 -6.87
C VAL D 57 -0.20 -20.57 -7.73
N ASP D 58 -0.18 -20.85 -9.02
CA ASP D 58 0.71 -20.15 -9.96
C ASP D 58 0.37 -18.67 -9.98
N LYS D 59 -0.90 -18.35 -10.20
CA LYS D 59 -1.35 -16.97 -10.26
C LYS D 59 -1.20 -16.28 -8.90
N ILE D 60 -1.48 -17.03 -7.83
CA ILE D 60 -1.35 -16.49 -6.47
C ILE D 60 0.11 -16.17 -6.20
N MET D 61 0.98 -17.13 -6.52
CA MET D 61 2.42 -16.96 -6.33
C MET D 61 2.87 -15.67 -7.01
N LYS D 62 2.37 -15.45 -8.22
CA LYS D 62 2.71 -14.27 -9.00
C LYS D 62 2.28 -13.00 -8.24
N ASP D 63 1.05 -13.00 -7.74
CA ASP D 63 0.52 -11.86 -7.00
C ASP D 63 1.24 -11.67 -5.67
N LEU D 64 2.03 -12.65 -5.28
CA LEU D 64 2.78 -12.57 -4.02
C LEU D 64 4.18 -11.98 -4.02
N ASP D 65 5.05 -12.56 -4.85
CA ASP D 65 6.43 -12.09 -4.95
C ASP D 65 6.35 -11.01 -6.03
N GLN D 66 6.12 -9.77 -5.59
CA GLN D 66 6.00 -8.64 -6.49
C GLN D 66 7.33 -8.37 -7.20
N CYS D 67 8.35 -9.14 -6.84
CA CYS D 67 9.67 -8.98 -7.44
C CYS D 67 9.95 -10.01 -8.52
N ARG D 68 9.22 -11.13 -8.49
CA ARG D 68 9.41 -12.18 -9.49
C ARG D 68 10.86 -12.63 -9.57
N ASP D 69 11.30 -13.33 -8.52
CA ASP D 69 12.66 -13.86 -8.46
C ASP D 69 12.54 -15.33 -8.09
N GLY D 70 11.47 -15.64 -7.34
CA GLY D 70 11.22 -17.00 -6.92
C GLY D 70 11.04 -17.12 -5.42
N LYS D 71 11.78 -16.33 -4.66
CA LYS D 71 11.71 -16.35 -3.20
C LYS D 71 10.54 -15.53 -2.67
N VAL D 72 10.03 -15.92 -1.51
CA VAL D 72 8.91 -15.23 -0.88
C VAL D 72 9.18 -15.10 0.63
N GLY D 73 9.47 -13.87 1.06
CA GLY D 73 9.76 -13.63 2.46
C GLY D 73 8.54 -13.70 3.38
N PHE D 74 8.81 -13.87 4.67
CA PHE D 74 7.75 -13.96 5.67
C PHE D 74 6.75 -12.81 5.55
N GLN D 75 7.25 -11.62 5.24
CA GLN D 75 6.39 -10.44 5.11
C GLN D 75 5.32 -10.68 4.04
N SER D 76 5.74 -10.69 2.78
CA SER D 76 4.81 -10.92 1.68
C SER D 76 4.01 -12.19 1.96
N PHE D 77 4.66 -13.15 2.60
CA PHE D 77 4.03 -14.42 2.95
C PHE D 77 2.81 -14.17 3.84
N PHE D 78 3.03 -13.49 4.95
CA PHE D 78 1.97 -13.19 5.90
C PHE D 78 0.78 -12.61 5.15
N SER D 79 1.06 -11.69 4.22
CA SER D 79 0.02 -11.06 3.42
C SER D 79 -0.95 -12.13 2.91
N LEU D 80 -0.41 -13.24 2.46
CA LEU D 80 -1.21 -14.34 1.95
C LEU D 80 -2.09 -14.87 3.08
N ILE D 81 -1.50 -15.01 4.26
CA ILE D 81 -2.24 -15.50 5.41
C ILE D 81 -3.28 -14.46 5.82
N ALA D 82 -3.21 -13.30 5.19
CA ALA D 82 -4.14 -12.21 5.46
C ALA D 82 -5.27 -12.20 4.45
N GLY D 83 -4.92 -12.05 3.18
CA GLY D 83 -5.92 -12.02 2.12
C GLY D 83 -7.03 -13.03 2.35
N LEU D 84 -6.66 -14.21 2.84
CA LEU D 84 -7.62 -15.26 3.12
C LEU D 84 -8.45 -14.93 4.37
N THR D 85 -7.77 -14.57 5.45
CA THR D 85 -8.43 -14.25 6.69
C THR D 85 -9.34 -13.04 6.54
N ILE D 86 -8.86 -12.01 5.84
CA ILE D 86 -9.65 -10.81 5.61
C ILE D 86 -10.93 -11.16 4.86
N ALA D 87 -10.79 -11.69 3.66
CA ALA D 87 -11.93 -12.07 2.85
C ALA D 87 -12.84 -13.00 3.66
N CYS D 88 -12.22 -13.88 4.45
CA CYS D 88 -12.97 -14.81 5.29
C CYS D 88 -13.80 -14.04 6.31
N ASN D 89 -13.17 -13.05 6.94
CA ASN D 89 -13.84 -12.23 7.94
C ASN D 89 -15.10 -11.60 7.37
N ASP D 90 -14.98 -11.04 6.16
CA ASP D 90 -16.12 -10.40 5.51
C ASP D 90 -17.30 -11.36 5.42
N TYR D 91 -17.03 -12.65 5.51
CA TYR D 91 -18.07 -13.67 5.41
C TYR D 91 -18.97 -13.61 6.64
N PHE D 92 -18.39 -13.30 7.79
CA PHE D 92 -19.15 -13.20 9.04
C PHE D 92 -20.16 -12.07 8.90
N VAL D 93 -19.74 -11.00 8.24
CA VAL D 93 -20.58 -9.83 8.02
C VAL D 93 -21.83 -10.16 7.19
N VAL D 94 -21.87 -11.36 6.64
CA VAL D 94 -23.01 -11.77 5.82
C VAL D 94 -23.45 -13.21 6.06
N HIS D 95 -22.68 -14.16 5.54
CA HIS D 95 -23.00 -15.57 5.67
C HIS D 95 -22.74 -16.11 7.09
N MET D 96 -23.28 -15.42 8.09
CA MET D 96 -23.07 -15.84 9.40
C MET D 96 -23.73 -14.70 10.31
N LYS D 97 -23.45 -14.73 11.62
CA LYS D 97 -23.98 -13.74 12.54
C LYS D 97 -25.50 -13.89 12.69
N SER D 107 -10.62 -24.93 12.52
CA SER D 107 -11.44 -26.03 12.05
C SER D 107 -12.56 -25.55 11.14
N THR D 108 -13.21 -24.46 11.54
CA THR D 108 -14.31 -23.89 10.77
C THR D 108 -13.79 -23.28 9.47
N VAL D 109 -12.67 -22.57 9.54
CA VAL D 109 -12.09 -21.94 8.37
C VAL D 109 -11.82 -22.99 7.28
N HIS D 110 -11.54 -24.21 7.71
CA HIS D 110 -11.28 -25.31 6.78
C HIS D 110 -12.32 -25.34 5.67
N GLU D 111 -13.53 -24.91 5.99
CA GLU D 111 -14.62 -24.89 5.02
C GLU D 111 -14.85 -23.49 4.47
N ILE D 112 -14.88 -22.51 5.37
CA ILE D 112 -15.09 -21.11 4.97
C ILE D 112 -14.12 -20.71 3.86
N LEU D 113 -12.91 -21.24 3.92
CA LEU D 113 -11.89 -20.95 2.91
C LEU D 113 -12.25 -21.52 1.55
N SER D 114 -12.51 -22.82 1.51
CA SER D 114 -12.86 -23.50 0.26
C SER D 114 -14.17 -22.98 -0.33
N LYS D 115 -14.90 -22.19 0.45
CA LYS D 115 -16.17 -21.63 -0.01
C LYS D 115 -16.21 -20.41 -0.93
N LEU D 116 -15.57 -19.32 -0.52
CA LEU D 116 -15.56 -18.10 -1.31
C LEU D 116 -14.14 -17.92 -1.83
N SER D 117 -14.05 -17.40 -3.05
CA SER D 117 -12.77 -17.13 -3.71
C SER D 117 -12.95 -15.88 -4.55
N LEU D 118 -11.89 -15.09 -4.72
CA LEU D 118 -12.02 -13.87 -5.50
C LEU D 118 -10.89 -13.70 -6.51
N GLU D 119 -11.23 -13.15 -7.67
CA GLU D 119 -10.26 -12.91 -8.74
C GLU D 119 -8.99 -12.27 -8.20
N PRO E 6 -7.92 2.14 -17.23
CA PRO E 6 -6.85 2.07 -16.21
C PRO E 6 -7.39 1.47 -14.91
N LYS E 7 -6.59 1.56 -13.85
CA LYS E 7 -6.99 1.03 -12.55
C LYS E 7 -6.32 1.90 -11.49
N MET E 8 -7.05 2.91 -11.02
CA MET E 8 -6.54 3.83 -10.01
C MET E 8 -6.47 3.08 -8.69
N LYS E 9 -5.31 2.51 -8.39
CA LYS E 9 -5.13 1.77 -7.14
C LYS E 9 -4.20 2.55 -6.23
N ILE E 10 -4.37 2.39 -4.92
CA ILE E 10 -3.53 3.09 -3.94
C ILE E 10 -2.05 2.94 -4.22
N PRO E 11 -1.30 4.05 -4.17
CA PRO E 11 0.15 4.05 -4.41
C PRO E 11 0.87 3.40 -3.24
N LYS E 12 2.20 3.40 -3.28
CA LYS E 12 2.99 2.81 -2.21
C LYS E 12 4.12 3.71 -1.73
N PHE E 13 3.97 4.22 -0.50
CA PHE E 13 4.96 5.12 0.11
C PHE E 13 4.83 6.53 -0.43
N THR E 14 5.21 7.50 0.40
CA THR E 14 5.15 8.91 0.01
C THR E 14 6.52 9.57 0.20
N PHE E 15 6.75 10.07 1.41
CA PHE E 15 8.02 10.74 1.71
C PHE E 15 8.68 10.11 2.94
N PRO F 6 7.55 -2.67 17.52
CA PRO F 6 7.95 -3.05 16.14
C PRO F 6 7.76 -1.87 15.18
N LYS F 7 7.13 -2.14 14.04
CA LYS F 7 6.89 -1.11 13.05
C LYS F 7 5.40 -1.02 12.78
N MET F 8 4.75 -2.17 12.63
CA MET F 8 3.32 -2.24 12.36
C MET F 8 2.68 -1.41 11.26
N LYS F 9 2.96 -1.80 10.02
CA LYS F 9 2.42 -1.12 8.84
C LYS F 9 1.41 -1.92 8.04
N ILE F 10 0.74 -1.27 7.11
CA ILE F 10 -0.25 -1.96 6.28
C ILE F 10 0.37 -2.47 4.98
N PRO F 11 0.43 -3.79 4.82
CA PRO F 11 1.01 -4.41 3.61
C PRO F 11 0.18 -4.02 2.38
N LYS F 12 -0.06 -4.99 1.50
CA LYS F 12 -0.85 -4.71 0.31
C LYS F 12 -1.35 -5.86 -0.56
N PHE F 13 -2.46 -6.46 -0.13
CA PHE F 13 -3.07 -7.58 -0.85
C PHE F 13 -4.39 -7.94 -0.16
N THR F 14 -5.42 -8.22 -0.96
CA THR F 14 -6.72 -8.59 -0.42
C THR F 14 -7.09 -9.99 -0.90
N PHE F 15 -7.65 -10.07 -2.10
CA PHE F 15 -8.06 -11.34 -2.68
C PHE F 15 -8.72 -11.11 -4.04
#